data_8PXY
#
_entry.id   8PXY
#
_cell.length_a   76.608
_cell.length_b   94.623
_cell.length_c   58.794
_cell.angle_alpha   90.00
_cell.angle_beta   90.00
_cell.angle_gamma   90.00
#
_symmetry.space_group_name_H-M   'P 21 21 2'
#
loop_
_entity.id
_entity.type
_entity.pdbx_description
1 polymer 'L,D-transpeptidase 2'
2 polymer 'Peptidoglycan tetrapeptide'
3 branched '2-acetamido-2-deoxy-beta-D-glucopyranose-(1-4)-N-acetyl-alpha-muramic acid'
4 non-polymer '4-(2-HYDROXYETHYL)-1-PIPERAZINE ETHANESULFONIC ACID'
5 non-polymer 'CHLORIDE ION'
6 water water
#
loop_
_entity_poly.entity_id
_entity_poly.type
_entity_poly.pdbx_seq_one_letter_code
_entity_poly.pdbx_strand_id
1 'polypeptide(L)'
;QSDLLVPKLTASVTDGAVGVTVDAPVSVTAADGVLAAVTMVNDNGRPVAGRLSPDGLRWSTTEQLGYNRRYTLNATALGL
GGAATRQLTFQTSSPAHLTMPYVMPGDGEVVGVGEPVAIRFDENIADRGAAEKAIKITTNPPVEGAFYWLNNREVRWRPE
HFWKPGTAVDVAVNTYGVDLGEGMFGEDNVQTHFTIGDEVIATADDNTKILTVRVNGEVVKSMPTSMGKDSTPTANGIYI
VGSRYKHIIMDSSTYGVPVNSPNGYRTDVDWATQISYSGVFVHSAPWSVGAQGHTNTSHGSLNVSPSNAQWFYDHVKRGD
IVEVVNTVGGTLPGIDGLGDWNIPWDQWRAGNAKA
;
A
2 'polypeptide(L)' A(ZGL)(JGO)(DAL) B
#
# COMPACT_ATOMS: atom_id res chain seq x y z
N LEU A 5 29.72 36.95 23.60
CA LEU A 5 29.82 35.98 22.50
C LEU A 5 29.14 36.53 21.25
N VAL A 6 29.77 36.29 20.10
CA VAL A 6 29.19 36.63 18.81
C VAL A 6 28.21 35.52 18.44
N PRO A 7 27.02 35.83 17.95
CA PRO A 7 26.07 34.76 17.63
C PRO A 7 26.54 33.95 16.44
N LYS A 8 26.14 32.68 16.43
CA LYS A 8 26.54 31.73 15.39
C LYS A 8 25.30 31.21 14.69
N LEU A 9 25.36 31.15 13.36
CA LEU A 9 24.24 30.72 12.53
C LEU A 9 24.52 29.36 11.94
N THR A 10 23.62 28.41 12.17
CA THR A 10 23.68 27.07 11.62
C THR A 10 22.45 26.83 10.75
N ALA A 11 22.63 26.10 9.65
CA ALA A 11 21.55 25.79 8.73
C ALA A 11 21.53 24.32 8.38
N SER A 12 20.36 23.84 7.95
CA SER A 12 20.23 22.46 7.51
C SER A 12 20.76 22.26 6.10
N VAL A 13 21.27 23.31 5.45
CA VAL A 13 21.90 23.23 4.15
C VAL A 13 23.20 24.03 4.21
N THR A 14 24.01 23.91 3.17
CA THR A 14 25.24 24.65 3.03
C THR A 14 25.20 25.51 1.77
N ASP A 15 25.98 26.58 1.77
CA ASP A 15 26.04 27.47 0.62
C ASP A 15 26.59 26.73 -0.58
N GLY A 16 25.93 26.90 -1.73
CA GLY A 16 26.33 26.22 -2.94
C GLY A 16 25.93 24.77 -3.02
N ALA A 17 25.10 24.29 -2.11
CA ALA A 17 24.70 22.89 -2.13
C ALA A 17 23.80 22.61 -3.33
N VAL A 18 23.93 21.39 -3.86
CA VAL A 18 23.05 20.90 -4.91
C VAL A 18 22.41 19.60 -4.42
N GLY A 19 21.30 19.25 -5.06
CA GLY A 19 20.61 18.04 -4.70
C GLY A 19 19.98 18.07 -3.32
N VAL A 20 19.70 19.25 -2.80
CA VAL A 20 19.00 19.35 -1.52
C VAL A 20 17.63 18.72 -1.67
N THR A 21 17.35 17.70 -0.87
CA THR A 21 16.07 17.00 -0.94
C THR A 21 14.97 17.79 -0.25
N VAL A 22 13.77 17.69 -0.78
CA VAL A 22 12.62 18.46 -0.29
C VAL A 22 11.70 17.58 0.56
N ASP A 23 12.20 16.47 1.10
CA ASP A 23 11.42 15.64 2.01
C ASP A 23 11.41 16.19 3.44
N ALA A 24 12.18 17.23 3.71
CA ALA A 24 12.22 17.86 5.02
C ALA A 24 12.27 19.36 4.84
N PRO A 25 11.87 20.12 5.85
CA PRO A 25 11.96 21.58 5.74
C PRO A 25 13.41 22.04 5.82
N VAL A 26 13.67 23.21 5.27
CA VAL A 26 14.95 23.89 5.45
C VAL A 26 14.86 24.71 6.74
N SER A 27 15.90 24.63 7.57
CA SER A 27 15.89 25.26 8.88
C SER A 27 17.19 26.01 9.14
N VAL A 28 17.10 27.01 10.01
CA VAL A 28 18.25 27.79 10.46
C VAL A 28 18.15 27.90 11.98
N THR A 29 19.27 27.66 12.67
CA THR A 29 19.30 27.69 14.12
C THR A 29 20.40 28.63 14.60
N ALA A 30 20.14 29.31 15.70
CA ALA A 30 21.08 30.28 16.27
C ALA A 30 21.65 29.75 17.58
N ALA A 31 22.92 30.07 17.81
CA ALA A 31 23.59 29.75 19.06
C ALA A 31 24.29 30.99 19.59
N ASP A 32 24.33 31.11 20.91
CA ASP A 32 24.89 32.30 21.56
C ASP A 32 24.16 33.56 21.10
N GLY A 33 22.84 33.48 21.03
CA GLY A 33 22.05 34.61 20.59
C GLY A 33 20.69 34.14 20.11
N VAL A 34 20.00 35.04 19.42
CA VAL A 34 18.70 34.76 18.84
C VAL A 34 18.65 35.26 17.41
N LEU A 35 17.71 34.72 16.64
CA LEU A 35 17.51 35.12 15.25
C LEU A 35 16.63 36.37 15.22
N ALA A 36 17.14 37.44 14.60
CA ALA A 36 16.32 38.63 14.43
C ALA A 36 15.36 38.46 13.26
N ALA A 37 15.86 37.94 12.13
CA ALA A 37 15.02 37.76 10.95
C ALA A 37 15.65 36.72 10.04
N VAL A 38 14.79 36.00 9.33
CA VAL A 38 15.21 35.03 8.32
C VAL A 38 14.26 35.16 7.13
N THR A 39 14.82 35.29 5.94
CA THR A 39 14.04 35.35 4.71
C THR A 39 14.59 34.33 3.72
N MET A 40 13.69 33.81 2.88
N MET A 40 13.69 33.77 2.93
CA MET A 40 14.04 32.82 1.87
CA MET A 40 14.06 32.84 1.87
C MET A 40 13.21 33.08 0.64
C MET A 40 13.22 33.16 0.64
N VAL A 41 13.88 33.23 -0.51
CA VAL A 41 13.21 33.47 -1.78
C VAL A 41 13.67 32.41 -2.76
N ASN A 42 12.84 32.17 -3.78
CA ASN A 42 13.17 31.24 -4.85
C ASN A 42 13.79 31.99 -6.01
N ASP A 43 14.16 31.25 -7.06
CA ASP A 43 14.91 31.84 -8.17
C ASP A 43 14.11 32.88 -8.92
N ASN A 44 12.78 32.87 -8.82
CA ASN A 44 11.95 33.90 -9.41
C ASN A 44 11.69 35.07 -8.45
N GLY A 45 12.30 35.05 -7.27
CA GLY A 45 12.19 36.15 -6.34
C GLY A 45 10.99 36.10 -5.42
N ARG A 46 10.24 35.01 -5.43
CA ARG A 46 9.08 34.97 -4.54
C ARG A 46 9.50 34.47 -3.15
N PRO A 47 8.90 34.99 -2.08
CA PRO A 47 9.26 34.51 -0.74
C PRO A 47 8.73 33.10 -0.50
N VAL A 48 9.41 32.41 0.41
CA VAL A 48 9.01 31.10 0.88
C VAL A 48 8.44 31.26 2.29
N ALA A 49 7.28 30.67 2.53
CA ALA A 49 6.64 30.79 3.83
C ALA A 49 7.47 30.06 4.88
N GLY A 50 7.83 30.79 5.95
CA GLY A 50 8.55 30.19 7.06
C GLY A 50 8.06 30.76 8.38
N ARG A 51 8.57 30.18 9.46
CA ARG A 51 8.13 30.54 10.80
C ARG A 51 9.29 30.51 11.78
N LEU A 52 9.40 31.56 12.58
CA LEU A 52 10.41 31.63 13.62
C LEU A 52 9.82 31.07 14.92
N SER A 53 10.59 30.22 15.58
CA SER A 53 10.10 29.60 16.81
C SER A 53 9.87 30.68 17.86
N PRO A 54 8.96 30.43 18.81
CA PRO A 54 8.74 31.43 19.87
C PRO A 54 10.01 31.87 20.57
N ASP A 55 10.90 30.93 20.91
CA ASP A 55 12.10 31.30 21.65
C ASP A 55 13.12 32.02 20.78
N GLY A 56 12.87 32.14 19.47
CA GLY A 56 13.75 32.88 18.59
C GLY A 56 15.01 32.16 18.19
N LEU A 57 15.15 30.88 18.52
CA LEU A 57 16.38 30.15 18.22
C LEU A 57 16.32 29.35 16.93
N ARG A 58 15.13 29.08 16.39
CA ARG A 58 14.98 28.21 15.24
C ARG A 58 13.99 28.79 14.24
N TRP A 59 14.39 28.79 12.97
CA TRP A 59 13.51 29.15 11.86
C TRP A 59 13.38 27.96 10.93
N SER A 60 12.20 27.78 10.37
CA SER A 60 11.95 26.63 9.50
C SER A 60 10.90 27.01 8.45
N THR A 61 11.06 26.45 7.25
CA THR A 61 10.07 26.61 6.22
C THR A 61 8.77 25.90 6.61
N THR A 62 7.65 26.46 6.19
CA THR A 62 6.33 25.92 6.52
C THR A 62 5.55 25.45 5.31
N GLU A 63 6.06 25.66 4.09
CA GLU A 63 5.40 25.21 2.88
C GLU A 63 6.29 24.21 2.15
N GLN A 64 5.64 23.39 1.33
CA GLN A 64 6.37 22.40 0.53
C GLN A 64 7.38 23.10 -0.37
N LEU A 65 8.62 22.62 -0.34
CA LEU A 65 9.63 23.10 -1.25
C LEU A 65 9.53 22.36 -2.59
N GLY A 66 10.07 22.98 -3.63
CA GLY A 66 9.90 22.45 -4.97
C GLY A 66 11.14 21.80 -5.55
N TYR A 67 10.91 20.92 -6.52
CA TYR A 67 12.02 20.31 -7.25
C TYR A 67 12.67 21.32 -8.20
N ASN A 68 13.98 21.13 -8.41
CA ASN A 68 14.71 21.86 -9.44
C ASN A 68 14.55 23.36 -9.28
N ARG A 69 14.79 23.84 -8.05
CA ARG A 69 14.69 25.25 -7.75
C ARG A 69 16.00 25.72 -7.10
N ARG A 70 16.21 27.03 -7.17
CA ARG A 70 17.33 27.69 -6.50
C ARG A 70 16.75 28.63 -5.46
N TYR A 71 17.11 28.42 -4.20
CA TYR A 71 16.65 29.25 -3.10
C TYR A 71 17.82 30.02 -2.51
N THR A 72 17.51 31.21 -1.97
CA THR A 72 18.49 32.07 -1.34
C THR A 72 18.03 32.36 0.09
N LEU A 73 18.81 31.89 1.06
CA LEU A 73 18.49 32.03 2.47
C LEU A 73 19.28 33.19 3.07
N ASN A 74 18.59 34.08 3.77
CA ASN A 74 19.22 35.23 4.41
C ASN A 74 18.83 35.24 5.88
N ALA A 75 19.83 35.18 6.76
CA ALA A 75 19.61 35.09 8.18
C ALA A 75 20.47 36.12 8.91
N THR A 76 19.90 36.71 9.96
N THR A 76 19.91 36.70 9.96
CA THR A 76 20.57 37.68 10.79
CA THR A 76 20.64 37.65 10.80
C THR A 76 20.30 37.32 12.25
C THR A 76 20.29 37.37 12.24
N ALA A 77 21.33 37.37 13.09
CA ALA A 77 21.20 37.02 14.49
C ALA A 77 21.79 38.12 15.36
N LEU A 78 21.39 38.12 16.63
CA LEU A 78 21.83 39.12 17.60
C LEU A 78 22.30 38.44 18.87
N GLY A 79 23.40 38.96 19.43
CA GLY A 79 23.92 38.48 20.69
C GLY A 79 24.56 39.61 21.47
N LEU A 80 24.94 39.30 22.71
CA LEU A 80 25.61 40.30 23.53
C LEU A 80 26.83 40.87 22.81
N GLY A 81 27.55 40.04 22.08
CA GLY A 81 28.72 40.49 21.35
C GLY A 81 28.47 40.70 19.87
N GLY A 82 27.55 41.61 19.54
CA GLY A 82 27.33 41.99 18.16
C GLY A 82 26.30 41.14 17.45
N ALA A 83 26.21 41.38 16.14
CA ALA A 83 25.28 40.69 15.27
C ALA A 83 26.03 39.80 14.28
N ALA A 84 25.31 38.83 13.73
CA ALA A 84 25.86 37.90 12.74
C ALA A 84 24.84 37.72 11.63
N THR A 85 25.32 37.72 10.39
N THR A 85 25.32 37.73 10.39
CA THR A 85 24.47 37.59 9.22
CA THR A 85 24.45 37.57 9.23
C THR A 85 25.12 36.63 8.23
C THR A 85 25.10 36.63 8.23
N ARG A 86 24.26 35.86 7.54
CA ARG A 86 24.72 34.91 6.53
C ARG A 86 23.76 34.89 5.35
N GLN A 87 24.29 34.55 4.18
CA GLN A 87 23.47 34.28 3.01
C GLN A 87 23.89 32.92 2.45
N LEU A 88 22.90 32.09 2.13
CA LEU A 88 23.12 30.78 1.55
C LEU A 88 22.25 30.61 0.31
N THR A 89 22.82 30.00 -0.71
CA THR A 89 22.10 29.66 -1.94
C THR A 89 22.31 28.19 -2.23
N PHE A 90 21.21 27.47 -2.47
CA PHE A 90 21.27 26.03 -2.71
C PHE A 90 20.25 25.64 -3.76
N GLN A 91 20.48 24.47 -4.36
CA GLN A 91 19.63 23.91 -5.39
C GLN A 91 18.99 22.62 -4.90
N THR A 92 17.71 22.44 -5.22
CA THR A 92 16.99 21.23 -4.81
C THR A 92 17.10 20.16 -5.90
N SER A 93 16.80 18.92 -5.50
CA SER A 93 16.90 17.79 -6.40
C SER A 93 16.16 18.05 -7.71
N SER A 94 16.74 17.60 -8.82
N SER A 94 16.74 17.60 -8.82
CA SER A 94 16.12 17.69 -10.14
CA SER A 94 16.12 17.69 -10.14
C SER A 94 15.79 16.29 -10.63
C SER A 94 15.79 16.29 -10.63
N PRO A 95 14.60 15.76 -10.35
CA PRO A 95 14.30 14.39 -10.75
C PRO A 95 14.40 14.18 -12.25
N ALA A 96 14.81 12.96 -12.63
CA ALA A 96 14.62 12.51 -14.00
C ALA A 96 13.17 12.10 -14.24
N HIS A 97 12.52 11.57 -13.21
CA HIS A 97 11.14 11.11 -13.31
C HIS A 97 10.46 11.29 -11.97
N LEU A 98 9.13 11.36 -12.01
CA LEU A 98 8.31 11.34 -10.81
C LEU A 98 7.47 10.07 -10.79
N THR A 99 7.20 9.57 -9.58
CA THR A 99 6.34 8.41 -9.40
C THR A 99 5.32 8.71 -8.32
N MET A 100 4.06 8.33 -8.58
CA MET A 100 2.98 8.57 -7.63
C MET A 100 2.61 7.27 -6.92
N PRO A 101 2.53 7.26 -5.59
CA PRO A 101 2.09 6.06 -4.88
C PRO A 101 0.57 6.01 -4.69
N TYR A 102 0.02 4.80 -4.77
CA TYR A 102 -1.39 4.55 -4.56
C TYR A 102 -1.55 3.51 -3.46
N VAL A 103 -2.32 3.86 -2.42
CA VAL A 103 -2.42 3.05 -1.22
C VAL A 103 -3.77 2.34 -1.18
N MET A 104 -3.75 1.10 -0.72
CA MET A 104 -4.93 0.32 -0.39
C MET A 104 -4.74 -0.29 0.98
N PRO A 105 -5.82 -0.46 1.76
CA PRO A 105 -7.21 -0.14 1.43
C PRO A 105 -7.50 1.35 1.49
N GLY A 106 -8.73 1.73 1.15
CA GLY A 106 -9.09 3.13 1.13
C GLY A 106 -9.12 3.74 2.50
N ASP A 107 -9.04 5.07 2.52
CA ASP A 107 -9.09 5.82 3.77
C ASP A 107 -10.46 5.67 4.42
N GLY A 108 -10.47 5.30 5.70
CA GLY A 108 -11.70 5.12 6.44
C GLY A 108 -12.36 3.76 6.26
N GLU A 109 -11.81 2.90 5.43
CA GLU A 109 -12.41 1.61 5.18
C GLU A 109 -12.30 0.70 6.40
N VAL A 110 -13.26 -0.23 6.50
CA VAL A 110 -13.20 -1.35 7.43
C VAL A 110 -12.96 -2.61 6.63
N VAL A 111 -11.92 -3.36 6.98
CA VAL A 111 -11.48 -4.50 6.18
C VAL A 111 -11.23 -5.70 7.08
N GLY A 112 -11.16 -6.87 6.45
CA GLY A 112 -11.03 -8.12 7.16
C GLY A 112 -9.64 -8.34 7.73
N VAL A 113 -9.51 -9.44 8.48
CA VAL A 113 -8.30 -9.72 9.21
C VAL A 113 -7.12 -10.08 8.31
N GLY A 114 -7.35 -10.25 7.02
CA GLY A 114 -6.30 -10.61 6.09
C GLY A 114 -5.80 -9.48 5.22
N GLU A 115 -6.29 -8.27 5.40
CA GLU A 115 -6.00 -7.19 4.46
C GLU A 115 -4.55 -6.72 4.61
N PRO A 116 -3.72 -6.84 3.59
CA PRO A 116 -2.37 -6.25 3.67
C PRO A 116 -2.42 -4.77 3.31
N VAL A 117 -1.47 -4.03 3.87
CA VAL A 117 -1.25 -2.66 3.43
C VAL A 117 -0.50 -2.71 2.11
N ALA A 118 -1.02 -2.02 1.09
CA ALA A 118 -0.45 -2.07 -0.24
C ALA A 118 -0.12 -0.67 -0.71
N ILE A 119 1.14 -0.48 -1.11
CA ILE A 119 1.59 0.77 -1.72
C ILE A 119 2.01 0.42 -3.14
N ARG A 120 1.19 0.80 -4.10
CA ARG A 120 1.46 0.55 -5.52
C ARG A 120 2.05 1.82 -6.11
N PHE A 121 3.33 1.78 -6.46
CA PHE A 121 3.94 2.86 -7.22
C PHE A 121 3.63 2.66 -8.71
N ASP A 122 3.58 3.78 -9.44
CA ASP A 122 3.27 3.73 -10.86
C ASP A 122 4.52 3.72 -11.73
N GLU A 123 5.69 3.45 -11.14
CA GLU A 123 6.94 3.28 -11.86
C GLU A 123 7.72 2.17 -11.19
N ASN A 124 8.75 1.67 -11.88
CA ASN A 124 9.67 0.72 -11.26
C ASN A 124 10.50 1.44 -10.19
N ILE A 125 10.66 0.78 -9.05
CA ILE A 125 11.35 1.36 -7.90
C ILE A 125 12.75 0.75 -7.85
N ALA A 126 13.76 1.54 -8.24
CA ALA A 126 15.12 1.03 -8.24
C ALA A 126 15.64 0.84 -6.82
N ASP A 127 15.35 1.79 -5.93
CA ASP A 127 15.83 1.75 -4.54
C ASP A 127 14.66 1.38 -3.63
N ARG A 128 14.38 0.07 -3.56
CA ARG A 128 13.29 -0.40 -2.71
C ARG A 128 13.51 -0.01 -1.26
N GLY A 129 14.75 -0.03 -0.80
CA GLY A 129 15.03 0.37 0.57
C GLY A 129 14.55 1.77 0.88
N ALA A 130 14.83 2.72 -0.03
CA ALA A 130 14.39 4.09 0.20
C ALA A 130 12.88 4.18 0.30
N ALA A 131 12.17 3.40 -0.52
CA ALA A 131 10.71 3.38 -0.47
C ALA A 131 10.22 2.88 0.89
N GLU A 132 10.73 1.72 1.31
CA GLU A 132 10.29 1.17 2.60
C GLU A 132 10.53 2.16 3.73
N LYS A 133 11.67 2.85 3.70
CA LYS A 133 12.00 3.80 4.77
C LYS A 133 11.02 4.96 4.80
N ALA A 134 10.48 5.35 3.65
CA ALA A 134 9.56 6.48 3.57
C ALA A 134 8.13 6.14 3.98
N ILE A 135 7.84 4.86 4.24
CA ILE A 135 6.50 4.41 4.58
C ILE A 135 6.48 4.09 6.07
N LYS A 136 5.66 4.81 6.82
CA LYS A 136 5.48 4.57 8.24
C LYS A 136 4.13 3.91 8.48
N ILE A 137 4.16 2.69 9.01
CA ILE A 137 2.95 2.00 9.44
C ILE A 137 2.85 2.15 10.95
N THR A 138 1.66 2.48 11.45
CA THR A 138 1.39 2.57 12.87
C THR A 138 0.16 1.72 13.14
N THR A 139 0.23 0.87 14.18
CA THR A 139 -0.85 -0.02 14.52
C THR A 139 -1.22 0.16 15.99
N ASN A 140 -2.51 0.02 16.30
CA ASN A 140 -3.01 0.08 17.65
C ASN A 140 -4.10 -0.97 17.81
N PRO A 141 -3.88 -2.04 18.61
CA PRO A 141 -2.66 -2.38 19.35
C PRO A 141 -1.45 -2.62 18.44
N PRO A 142 -0.27 -2.19 18.86
CA PRO A 142 0.91 -2.37 17.99
C PRO A 142 1.22 -3.85 17.81
N VAL A 143 1.40 -4.25 16.56
CA VAL A 143 1.72 -5.62 16.19
C VAL A 143 2.84 -5.59 15.17
N GLU A 144 3.72 -6.57 15.24
CA GLU A 144 4.87 -6.61 14.34
C GLU A 144 4.42 -6.80 12.89
N GLY A 145 5.18 -6.20 11.97
CA GLY A 145 4.93 -6.37 10.55
C GLY A 145 6.20 -6.10 9.76
N ALA A 146 6.12 -6.41 8.46
CA ALA A 146 7.29 -6.31 7.61
C ALA A 146 6.87 -6.07 6.16
N PHE A 147 7.82 -5.57 5.37
CA PHE A 147 7.59 -5.27 3.96
C PHE A 147 7.99 -6.43 3.07
N TYR A 148 7.24 -6.60 1.98
CA TYR A 148 7.59 -7.59 0.97
C TYR A 148 7.06 -7.10 -0.37
N TRP A 149 7.91 -7.15 -1.40
CA TRP A 149 7.56 -6.64 -2.72
C TRP A 149 6.97 -7.76 -3.58
N LEU A 150 5.79 -7.50 -4.14
CA LEU A 150 5.16 -8.46 -5.03
C LEU A 150 5.69 -8.35 -6.46
N ASN A 151 6.16 -7.18 -6.85
CA ASN A 151 6.76 -6.95 -8.15
C ASN A 151 7.60 -5.67 -8.03
N ASN A 152 8.01 -5.12 -9.16
CA ASN A 152 8.90 -3.96 -9.13
C ASN A 152 8.20 -2.68 -8.73
N ARG A 153 6.88 -2.70 -8.60
CA ARG A 153 6.11 -1.48 -8.36
C ARG A 153 5.27 -1.49 -7.09
N GLU A 154 4.84 -2.65 -6.61
CA GLU A 154 3.93 -2.74 -5.48
C GLU A 154 4.60 -3.46 -4.32
N VAL A 155 4.51 -2.86 -3.13
CA VAL A 155 5.06 -3.42 -1.90
C VAL A 155 3.93 -3.58 -0.90
N ARG A 156 4.00 -4.64 -0.09
CA ARG A 156 2.96 -4.97 0.88
C ARG A 156 3.55 -4.99 2.28
N TRP A 157 2.67 -4.82 3.27
CA TRP A 157 3.04 -4.82 4.68
C TRP A 157 1.96 -5.57 5.44
N ARG A 158 2.35 -6.53 6.27
CA ARG A 158 1.38 -7.33 7.01
C ARG A 158 2.06 -7.90 8.25
N PRO A 159 1.28 -8.30 9.25
CA PRO A 159 1.85 -8.98 10.42
C PRO A 159 2.10 -10.46 10.14
N GLU A 160 2.67 -11.13 11.14
CA GLU A 160 2.93 -12.57 11.04
C GLU A 160 1.64 -13.36 10.95
N HIS A 161 0.63 -12.98 11.72
CA HIS A 161 -0.66 -13.64 11.74
C HIS A 161 -1.75 -12.67 11.33
N PHE A 162 -2.94 -13.20 11.07
CA PHE A 162 -4.08 -12.38 10.72
C PHE A 162 -4.26 -11.25 11.74
N TRP A 163 -4.72 -10.10 11.26
CA TRP A 163 -4.96 -8.95 12.13
C TRP A 163 -5.89 -9.33 13.28
N LYS A 164 -5.75 -8.60 14.39
CA LYS A 164 -6.70 -8.78 15.50
C LYS A 164 -7.89 -7.84 15.30
N PRO A 165 -9.12 -8.35 15.35
CA PRO A 165 -10.29 -7.47 15.16
C PRO A 165 -10.22 -6.24 16.06
N GLY A 166 -10.57 -5.08 15.48
CA GLY A 166 -10.54 -3.83 16.19
C GLY A 166 -9.27 -3.03 16.04
N THR A 167 -8.24 -3.61 15.41
CA THR A 167 -6.96 -2.93 15.30
C THR A 167 -7.07 -1.74 14.34
N ALA A 168 -6.47 -0.62 14.75
CA ALA A 168 -6.41 0.58 13.93
C ALA A 168 -5.05 0.67 13.26
N VAL A 169 -5.05 0.91 11.94
CA VAL A 169 -3.84 0.97 11.14
C VAL A 169 -3.75 2.33 10.48
N ASP A 170 -2.55 2.91 10.52
CA ASP A 170 -2.29 4.23 9.96
C ASP A 170 -1.07 4.14 9.06
N VAL A 171 -1.18 4.70 7.85
CA VAL A 171 -0.14 4.56 6.85
C VAL A 171 0.23 5.95 6.34
N ALA A 172 1.51 6.31 6.48
CA ALA A 172 2.05 7.57 5.98
C ALA A 172 3.11 7.24 4.92
N VAL A 173 2.80 7.54 3.66
CA VAL A 173 3.72 7.32 2.56
C VAL A 173 4.35 8.68 2.26
N ASN A 174 5.48 8.94 2.89
CA ASN A 174 6.14 10.25 2.77
C ASN A 174 7.26 10.17 1.74
N THR A 175 6.84 10.08 0.49
CA THR A 175 7.77 9.89 -0.62
C THR A 175 8.12 11.17 -1.35
N TYR A 176 7.45 12.28 -1.05
CA TYR A 176 7.76 13.53 -1.72
C TYR A 176 9.15 14.00 -1.32
N GLY A 177 10.02 14.20 -2.30
CA GLY A 177 11.39 14.58 -2.05
C GLY A 177 12.33 13.42 -1.81
N VAL A 178 11.84 12.20 -1.83
CA VAL A 178 12.67 11.01 -1.56
C VAL A 178 13.25 10.51 -2.88
N ASP A 179 14.54 10.25 -2.87
CA ASP A 179 15.25 9.73 -4.05
C ASP A 179 15.05 8.21 -4.08
N LEU A 180 14.17 7.75 -4.95
CA LEU A 180 13.85 6.34 -5.07
C LEU A 180 14.75 5.62 -6.08
N GLY A 181 15.88 6.22 -6.45
CA GLY A 181 16.83 5.56 -7.32
C GLY A 181 16.72 5.94 -8.78
N GLU A 182 17.86 6.03 -9.46
CA GLU A 182 17.91 6.27 -10.91
C GLU A 182 17.13 7.53 -11.28
N GLY A 183 17.21 8.55 -10.44
CA GLY A 183 16.55 9.80 -10.71
C GLY A 183 15.06 9.81 -10.49
N MET A 184 14.51 8.76 -9.90
CA MET A 184 13.08 8.68 -9.62
C MET A 184 12.79 9.28 -8.26
N PHE A 185 11.88 10.25 -8.21
CA PHE A 185 11.48 10.89 -6.97
C PHE A 185 9.97 10.82 -6.80
N GLY A 186 9.52 10.84 -5.55
CA GLY A 186 8.09 10.77 -5.28
C GLY A 186 7.39 12.05 -5.74
N GLU A 187 6.19 11.88 -6.29
CA GLU A 187 5.42 13.02 -6.77
C GLU A 187 4.61 13.68 -5.66
N ASP A 188 4.22 12.91 -4.64
CA ASP A 188 3.38 13.44 -3.59
C ASP A 188 3.39 12.47 -2.41
N ASN A 189 2.95 12.97 -1.27
CA ASN A 189 2.76 12.13 -0.09
C ASN A 189 1.33 11.62 -0.06
N VAL A 190 1.14 10.49 0.61
CA VAL A 190 -0.18 9.88 0.79
C VAL A 190 -0.33 9.47 2.24
N GLN A 191 -1.54 9.69 2.79
CA GLN A 191 -1.86 9.36 4.17
C GLN A 191 -3.22 8.68 4.19
N THR A 192 -3.27 7.43 4.65
CA THR A 192 -4.52 6.69 4.73
C THR A 192 -4.64 6.01 6.10
N HIS A 193 -5.85 5.60 6.42
CA HIS A 193 -6.17 5.00 7.70
C HIS A 193 -7.30 3.99 7.49
N PHE A 194 -7.21 2.85 8.16
CA PHE A 194 -8.26 1.84 8.06
C PHE A 194 -8.33 1.04 9.36
N THR A 195 -9.44 0.33 9.52
CA THR A 195 -9.74 -0.41 10.73
C THR A 195 -10.07 -1.86 10.38
N ILE A 196 -9.67 -2.77 11.25
CA ILE A 196 -9.94 -4.19 11.07
C ILE A 196 -11.26 -4.51 11.75
N GLY A 197 -12.13 -5.23 11.04
CA GLY A 197 -13.43 -5.62 11.52
C GLY A 197 -13.48 -7.05 12.01
N ASP A 198 -14.65 -7.67 11.84
CA ASP A 198 -14.85 -9.03 12.34
C ASP A 198 -13.93 -10.02 11.63
N GLU A 199 -13.60 -11.09 12.33
CA GLU A 199 -12.85 -12.21 11.75
C GLU A 199 -13.81 -13.03 10.90
N VAL A 200 -13.61 -13.00 9.59
CA VAL A 200 -14.45 -13.74 8.65
C VAL A 200 -13.52 -14.67 7.88
N ILE A 201 -13.67 -15.97 8.12
CA ILE A 201 -12.88 -16.99 7.44
C ILE A 201 -13.85 -17.98 6.81
N ALA A 202 -13.80 -18.12 5.49
CA ALA A 202 -14.61 -19.07 4.76
C ALA A 202 -13.70 -20.18 4.25
N THR A 203 -14.08 -21.42 4.54
CA THR A 203 -13.27 -22.58 4.19
C THR A 203 -13.98 -23.35 3.08
N ALA A 204 -13.33 -23.47 1.94
CA ALA A 204 -13.82 -24.29 0.82
C ALA A 204 -13.12 -25.64 0.92
N ASP A 205 -13.86 -26.66 1.31
CA ASP A 205 -13.29 -27.98 1.52
C ASP A 205 -13.68 -28.90 0.36
N ASP A 206 -12.68 -29.39 -0.37
CA ASP A 206 -12.96 -30.23 -1.53
C ASP A 206 -13.44 -31.63 -1.14
N ASN A 207 -13.18 -32.03 0.10
N ASN A 207 -13.18 -32.07 0.08
CA ASN A 207 -13.59 -33.34 0.59
CA ASN A 207 -13.63 -33.40 0.46
C ASN A 207 -15.09 -33.43 0.78
C ASN A 207 -15.12 -33.44 0.76
N THR A 208 -15.74 -32.30 1.09
CA THR A 208 -17.18 -32.20 1.22
C THR A 208 -17.81 -31.31 0.16
N LYS A 209 -17.01 -30.56 -0.59
CA LYS A 209 -17.51 -29.67 -1.63
C LYS A 209 -18.46 -28.63 -1.04
N ILE A 210 -18.15 -28.14 0.16
CA ILE A 210 -18.96 -27.16 0.86
C ILE A 210 -18.08 -25.97 1.21
N LEU A 211 -18.62 -24.75 1.04
CA LEU A 211 -17.98 -23.51 1.43
C LEU A 211 -18.66 -23.01 2.69
N THR A 212 -17.97 -23.06 3.82
CA THR A 212 -18.52 -22.71 5.12
C THR A 212 -17.95 -21.37 5.56
N VAL A 213 -18.83 -20.44 5.94
CA VAL A 213 -18.44 -19.10 6.37
C VAL A 213 -18.51 -19.05 7.88
N ARG A 214 -17.41 -18.71 8.53
CA ARG A 214 -17.34 -18.56 9.98
C ARG A 214 -17.02 -17.12 10.32
N VAL A 215 -17.84 -16.52 11.18
CA VAL A 215 -17.66 -15.16 11.64
C VAL A 215 -17.31 -15.22 13.13
N ASN A 216 -16.06 -14.88 13.46
CA ASN A 216 -15.58 -14.95 14.83
C ASN A 216 -15.77 -16.35 15.41
N GLY A 217 -15.51 -17.36 14.58
CA GLY A 217 -15.60 -18.74 15.00
C GLY A 217 -16.99 -19.34 14.93
N GLU A 218 -18.00 -18.59 14.51
CA GLU A 218 -19.37 -19.06 14.47
C GLU A 218 -19.78 -19.33 13.02
N VAL A 219 -20.30 -20.52 12.78
CA VAL A 219 -20.78 -20.88 11.44
C VAL A 219 -22.08 -20.12 11.17
N VAL A 220 -22.09 -19.31 10.11
CA VAL A 220 -23.27 -18.53 9.76
C VAL A 220 -23.84 -18.91 8.40
N LYS A 221 -23.09 -19.62 7.54
CA LYS A 221 -23.62 -20.01 6.25
C LYS A 221 -22.85 -21.22 5.73
N SER A 222 -23.58 -22.12 5.07
CA SER A 222 -23.01 -23.29 4.41
C SER A 222 -23.45 -23.29 2.96
N MET A 223 -22.49 -23.27 2.04
CA MET A 223 -22.79 -23.13 0.62
C MET A 223 -22.23 -24.31 -0.16
N PRO A 224 -23.06 -25.13 -0.79
CA PRO A 224 -22.53 -26.10 -1.76
C PRO A 224 -21.75 -25.35 -2.84
N THR A 225 -20.63 -25.93 -3.26
CA THR A 225 -19.80 -25.29 -4.26
C THR A 225 -19.30 -26.33 -5.27
N SER A 226 -19.08 -25.85 -6.49
CA SER A 226 -18.41 -26.61 -7.55
C SER A 226 -17.16 -25.82 -7.94
N MET A 227 -15.99 -26.37 -7.60
CA MET A 227 -14.72 -25.69 -7.84
C MET A 227 -14.16 -26.15 -9.18
N GLY A 228 -12.88 -25.84 -9.43
CA GLY A 228 -12.29 -26.17 -10.72
C GLY A 228 -12.17 -27.66 -10.92
N LYS A 229 -12.47 -28.11 -12.14
CA LYS A 229 -12.36 -29.51 -12.48
C LYS A 229 -10.90 -29.95 -12.44
N ASP A 230 -10.69 -31.27 -12.57
CA ASP A 230 -9.36 -31.82 -12.38
C ASP A 230 -8.34 -31.20 -13.32
N SER A 231 -8.75 -30.89 -14.55
CA SER A 231 -7.81 -30.33 -15.52
C SER A 231 -7.48 -28.87 -15.25
N THR A 232 -8.42 -28.14 -14.63
CA THR A 232 -8.24 -26.73 -14.29
C THR A 232 -8.67 -26.54 -12.84
N PRO A 233 -7.95 -27.11 -11.90
CA PRO A 233 -8.42 -27.15 -10.51
C PRO A 233 -8.17 -25.84 -9.78
N THR A 234 -8.91 -25.68 -8.69
CA THR A 234 -8.71 -24.56 -7.79
C THR A 234 -7.53 -24.85 -6.87
N ALA A 235 -6.59 -23.92 -6.81
CA ALA A 235 -5.41 -24.12 -5.98
C ALA A 235 -5.76 -23.99 -4.50
N ASN A 236 -5.07 -24.77 -3.68
CA ASN A 236 -5.21 -24.68 -2.23
C ASN A 236 -4.46 -23.45 -1.71
N GLY A 237 -4.81 -23.04 -0.49
CA GLY A 237 -4.09 -22.01 0.21
C GLY A 237 -5.00 -20.93 0.73
N ILE A 238 -4.40 -19.82 1.15
CA ILE A 238 -5.10 -18.69 1.74
C ILE A 238 -5.36 -17.65 0.65
N TYR A 239 -6.62 -17.25 0.49
CA TYR A 239 -7.02 -16.23 -0.46
C TYR A 239 -7.53 -15.00 0.30
N ILE A 240 -7.14 -13.82 -0.17
CA ILE A 240 -7.62 -12.56 0.40
C ILE A 240 -8.76 -12.03 -0.47
N VAL A 241 -9.86 -11.65 0.16
CA VAL A 241 -10.98 -11.09 -0.58
C VAL A 241 -10.60 -9.73 -1.14
N GLY A 242 -10.75 -9.57 -2.45
CA GLY A 242 -10.47 -8.32 -3.11
C GLY A 242 -11.73 -7.52 -3.35
N SER A 243 -12.04 -7.25 -4.61
CA SER A 243 -13.18 -6.40 -4.98
C SER A 243 -14.46 -7.20 -5.09
N ARG A 244 -15.58 -6.50 -4.90
CA ARG A 244 -16.92 -7.07 -5.01
C ARG A 244 -17.64 -6.46 -6.21
N TYR A 245 -18.36 -7.28 -6.96
CA TYR A 245 -19.04 -6.84 -8.18
C TYR A 245 -20.47 -7.33 -8.19
N LYS A 246 -21.41 -6.40 -8.39
CA LYS A 246 -22.81 -6.79 -8.61
C LYS A 246 -22.92 -7.70 -9.83
N HIS A 247 -22.06 -7.50 -10.82
CA HIS A 247 -21.98 -8.36 -12.00
C HIS A 247 -20.67 -8.05 -12.70
N ILE A 248 -20.16 -9.02 -13.46
CA ILE A 248 -18.89 -8.87 -14.13
C ILE A 248 -18.81 -9.91 -15.23
N ILE A 249 -18.08 -9.58 -16.29
CA ILE A 249 -17.77 -10.52 -17.36
C ILE A 249 -16.40 -11.11 -17.04
N MET A 250 -16.38 -12.40 -16.72
CA MET A 250 -15.13 -13.11 -16.53
C MET A 250 -14.54 -13.42 -17.90
N ASP A 251 -13.36 -12.87 -18.19
CA ASP A 251 -12.71 -13.03 -19.49
C ASP A 251 -11.36 -13.72 -19.28
N SER A 252 -11.24 -14.94 -19.80
CA SER A 252 -10.02 -15.71 -19.60
C SER A 252 -8.81 -15.01 -20.21
N SER A 253 -9.02 -14.21 -21.26
CA SER A 253 -7.92 -13.52 -21.92
C SER A 253 -7.28 -12.47 -21.02
N THR A 254 -8.01 -12.00 -20.00
CA THR A 254 -7.41 -11.12 -19.01
C THR A 254 -6.20 -11.78 -18.34
N TYR A 255 -6.18 -13.12 -18.31
CA TYR A 255 -5.10 -13.87 -17.67
C TYR A 255 -4.23 -14.59 -18.68
N GLY A 256 -4.35 -14.24 -19.96
CA GLY A 256 -3.48 -14.79 -20.99
C GLY A 256 -4.01 -16.03 -21.68
N VAL A 257 -5.21 -16.49 -21.36
CA VAL A 257 -5.80 -17.67 -21.99
C VAL A 257 -6.81 -17.18 -23.03
N PRO A 258 -6.56 -17.41 -24.33
CA PRO A 258 -7.53 -16.97 -25.34
C PRO A 258 -8.91 -17.56 -25.09
N VAL A 259 -9.94 -16.73 -25.32
CA VAL A 259 -11.30 -17.14 -25.04
C VAL A 259 -11.69 -18.37 -25.84
N ASN A 260 -11.16 -18.52 -27.05
CA ASN A 260 -11.52 -19.63 -27.91
C ASN A 260 -10.50 -20.77 -27.87
N SER A 261 -9.60 -20.75 -26.89
CA SER A 261 -8.71 -21.88 -26.65
C SER A 261 -9.42 -22.88 -25.75
N PRO A 262 -8.88 -24.10 -25.63
CA PRO A 262 -9.62 -25.15 -24.89
C PRO A 262 -10.02 -24.75 -23.48
N ASN A 263 -9.19 -24.00 -22.77
CA ASN A 263 -9.51 -23.57 -21.41
C ASN A 263 -10.01 -22.13 -21.34
N GLY A 264 -10.35 -21.52 -22.47
CA GLY A 264 -10.84 -20.17 -22.47
C GLY A 264 -12.31 -20.08 -22.08
N TYR A 265 -12.76 -18.85 -21.85
CA TYR A 265 -14.15 -18.63 -21.44
C TYR A 265 -14.43 -17.14 -21.39
N ARG A 266 -15.70 -16.81 -21.59
CA ARG A 266 -16.21 -15.45 -21.38
C ARG A 266 -17.62 -15.61 -20.83
N THR A 267 -17.81 -15.25 -19.56
CA THR A 267 -19.07 -15.50 -18.88
C THR A 267 -19.48 -14.27 -18.09
N ASP A 268 -20.67 -13.76 -18.38
CA ASP A 268 -21.28 -12.70 -17.59
C ASP A 268 -21.96 -13.34 -16.39
N VAL A 269 -21.55 -12.94 -15.18
CA VAL A 269 -22.02 -13.53 -13.95
C VAL A 269 -22.44 -12.44 -12.97
N ASP A 270 -23.22 -12.84 -11.97
CA ASP A 270 -23.70 -11.95 -10.92
C ASP A 270 -22.99 -12.25 -9.61
N TRP A 271 -22.97 -11.25 -8.73
CA TRP A 271 -22.49 -11.38 -7.36
C TRP A 271 -21.12 -12.05 -7.31
N ALA A 272 -20.15 -11.39 -7.92
CA ALA A 272 -18.81 -11.93 -8.06
C ALA A 272 -17.86 -11.26 -7.07
N THR A 273 -17.23 -12.07 -6.22
CA THR A 273 -16.23 -11.60 -5.28
C THR A 273 -14.87 -12.16 -5.70
N GLN A 274 -13.96 -11.27 -6.08
CA GLN A 274 -12.63 -11.69 -6.50
C GLN A 274 -11.78 -12.06 -5.29
N ILE A 275 -11.12 -13.22 -5.37
CA ILE A 275 -10.24 -13.68 -4.31
C ILE A 275 -8.84 -14.01 -4.80
N SER A 276 -8.56 -13.83 -6.09
CA SER A 276 -7.19 -13.96 -6.59
C SER A 276 -7.04 -13.16 -7.87
N TYR A 277 -5.84 -12.59 -8.06
CA TYR A 277 -5.55 -11.92 -9.33
C TYR A 277 -5.51 -12.91 -10.49
N SER A 278 -5.33 -14.21 -10.22
CA SER A 278 -5.29 -15.20 -11.29
C SER A 278 -6.66 -15.50 -11.86
N GLY A 279 -7.72 -14.91 -11.31
CA GLY A 279 -9.05 -15.03 -11.88
C GLY A 279 -10.04 -15.86 -11.09
N VAL A 280 -9.73 -16.19 -9.83
CA VAL A 280 -10.66 -16.98 -9.02
C VAL A 280 -11.70 -16.04 -8.41
N PHE A 281 -12.96 -16.41 -8.54
CA PHE A 281 -14.07 -15.65 -7.99
C PHE A 281 -15.00 -16.57 -7.22
N VAL A 282 -15.71 -15.99 -6.26
CA VAL A 282 -16.95 -16.54 -5.74
C VAL A 282 -18.08 -15.81 -6.46
N HIS A 283 -18.88 -16.55 -7.23
CA HIS A 283 -19.88 -15.91 -8.07
C HIS A 283 -21.10 -16.82 -8.23
N SER A 284 -22.18 -16.21 -8.72
CA SER A 284 -23.40 -16.98 -9.00
C SER A 284 -23.18 -17.88 -10.20
N ALA A 285 -23.66 -19.12 -10.08
CA ALA A 285 -23.49 -20.13 -11.12
C ALA A 285 -24.76 -20.97 -11.20
N PRO A 286 -25.83 -20.40 -11.75
CA PRO A 286 -27.09 -21.15 -11.84
C PRO A 286 -26.99 -22.40 -12.71
N TRP A 287 -26.01 -22.47 -13.60
CA TRP A 287 -25.89 -23.62 -14.49
C TRP A 287 -25.34 -24.86 -13.79
N SER A 288 -24.68 -24.70 -12.64
CA SER A 288 -24.04 -25.82 -11.96
C SER A 288 -24.64 -26.09 -10.58
N VAL A 289 -25.89 -25.70 -10.35
CA VAL A 289 -26.50 -25.91 -9.04
C VAL A 289 -26.51 -27.41 -8.71
N GLY A 290 -26.93 -28.24 -9.67
CA GLY A 290 -26.91 -29.67 -9.44
C GLY A 290 -25.53 -30.19 -9.10
N ALA A 291 -24.51 -29.68 -9.77
CA ALA A 291 -23.16 -30.16 -9.52
C ALA A 291 -22.59 -29.60 -8.21
N GLN A 292 -23.05 -28.44 -7.78
CA GLN A 292 -22.54 -27.83 -6.56
C GLN A 292 -22.76 -28.75 -5.37
N GLY A 293 -21.68 -28.99 -4.62
CA GLY A 293 -21.72 -29.92 -3.51
C GLY A 293 -21.42 -31.35 -3.89
N HIS A 294 -21.02 -31.61 -5.14
CA HIS A 294 -20.79 -32.98 -5.57
C HIS A 294 -19.60 -33.11 -6.52
N THR A 295 -19.59 -32.32 -7.60
CA THR A 295 -18.54 -32.43 -8.61
C THR A 295 -17.99 -31.06 -8.96
N ASN A 296 -16.70 -31.02 -9.28
CA ASN A 296 -16.03 -29.80 -9.71
C ASN A 296 -16.15 -29.67 -11.22
N THR A 297 -16.61 -28.50 -11.68
CA THR A 297 -16.91 -28.30 -13.08
C THR A 297 -16.37 -27.00 -13.67
N SER A 298 -15.69 -26.17 -12.88
CA SER A 298 -15.34 -24.83 -13.32
C SER A 298 -13.90 -24.78 -13.81
N HIS A 299 -13.47 -23.59 -14.21
CA HIS A 299 -12.09 -23.34 -14.60
C HIS A 299 -11.21 -22.93 -13.42
N GLY A 300 -11.75 -22.97 -12.21
CA GLY A 300 -10.99 -22.61 -11.03
C GLY A 300 -11.79 -21.81 -10.03
N SER A 301 -12.81 -21.10 -10.53
CA SER A 301 -13.64 -20.29 -9.66
C SER A 301 -14.56 -21.15 -8.81
N LEU A 302 -15.02 -20.57 -7.71
CA LEU A 302 -15.93 -21.23 -6.78
C LEU A 302 -17.36 -20.94 -7.24
N ASN A 303 -17.96 -21.89 -7.97
CA ASN A 303 -19.36 -21.79 -8.32
C ASN A 303 -20.22 -22.03 -7.09
N VAL A 304 -21.18 -21.14 -6.86
CA VAL A 304 -22.19 -21.32 -5.81
C VAL A 304 -23.53 -20.85 -6.35
N SER A 305 -24.57 -21.04 -5.56
CA SER A 305 -25.91 -20.71 -5.99
C SER A 305 -26.07 -19.19 -6.08
N PRO A 306 -27.02 -18.70 -6.89
CA PRO A 306 -27.25 -17.25 -6.95
C PRO A 306 -27.45 -16.63 -5.58
N SER A 307 -28.34 -17.19 -4.77
CA SER A 307 -28.61 -16.60 -3.46
C SER A 307 -27.38 -16.61 -2.58
N ASN A 308 -26.61 -17.71 -2.61
CA ASN A 308 -25.41 -17.79 -1.80
C ASN A 308 -24.34 -16.82 -2.31
N ALA A 309 -24.17 -16.71 -3.62
CA ALA A 309 -23.23 -15.73 -4.16
C ALA A 309 -23.62 -14.32 -3.74
N GLN A 310 -24.92 -14.01 -3.78
CA GLN A 310 -25.39 -12.70 -3.34
C GLN A 310 -25.16 -12.51 -1.85
N TRP A 311 -25.39 -13.55 -1.05
CA TRP A 311 -25.09 -13.47 0.38
C TRP A 311 -23.61 -13.18 0.59
N PHE A 312 -22.74 -13.90 -0.13
CA PHE A 312 -21.31 -13.65 -0.04
C PHE A 312 -20.99 -12.19 -0.35
N TYR A 313 -21.59 -11.66 -1.44
CA TYR A 313 -21.37 -10.27 -1.80
C TYR A 313 -21.79 -9.33 -0.69
N ASP A 314 -22.93 -9.61 -0.05
CA ASP A 314 -23.50 -8.68 0.93
C ASP A 314 -22.85 -8.79 2.31
N HIS A 315 -22.27 -9.94 2.66
CA HIS A 315 -21.80 -10.16 4.01
C HIS A 315 -20.30 -10.37 4.13
N VAL A 316 -19.56 -10.48 3.03
CA VAL A 316 -18.12 -10.61 3.06
C VAL A 316 -17.51 -9.30 2.55
N LYS A 317 -16.46 -8.85 3.21
CA LYS A 317 -15.88 -7.55 2.91
C LYS A 317 -14.43 -7.72 2.47
N ARG A 318 -13.88 -6.64 1.92
CA ARG A 318 -12.48 -6.62 1.51
C ARG A 318 -11.58 -7.02 2.67
N GLY A 319 -10.64 -7.92 2.40
CA GLY A 319 -9.69 -8.35 3.39
C GLY A 319 -10.08 -9.57 4.18
N ASP A 320 -11.33 -10.04 4.06
CA ASP A 320 -11.70 -11.32 4.65
C ASP A 320 -10.92 -12.44 3.95
N ILE A 321 -11.05 -13.65 4.49
CA ILE A 321 -10.21 -14.78 4.10
C ILE A 321 -11.08 -15.90 3.53
N VAL A 322 -10.60 -16.49 2.44
CA VAL A 322 -11.14 -17.74 1.90
C VAL A 322 -9.98 -18.74 1.85
N GLU A 323 -10.15 -19.87 2.55
CA GLU A 323 -9.13 -20.91 2.58
C GLU A 323 -9.64 -22.13 1.82
N VAL A 324 -8.83 -22.60 0.87
CA VAL A 324 -9.17 -23.74 0.02
C VAL A 324 -8.27 -24.90 0.40
N VAL A 325 -8.87 -26.06 0.68
CA VAL A 325 -8.12 -27.22 1.13
C VAL A 325 -8.60 -28.47 0.39
N ASN A 326 -7.69 -29.44 0.28
CA ASN A 326 -7.98 -30.79 -0.21
C ASN A 326 -8.32 -30.83 -1.70
N THR A 327 -7.97 -29.80 -2.46
CA THR A 327 -8.16 -29.88 -3.90
C THR A 327 -6.99 -30.60 -4.56
N VAL A 328 -7.18 -30.96 -5.83
CA VAL A 328 -6.11 -31.62 -6.59
C VAL A 328 -5.11 -30.63 -7.16
N GLY A 329 -5.33 -29.33 -6.96
CA GLY A 329 -4.40 -28.34 -7.43
C GLY A 329 -3.23 -28.14 -6.48
N GLY A 330 -2.35 -27.23 -6.86
CA GLY A 330 -1.21 -26.89 -6.02
C GLY A 330 -1.58 -25.86 -4.98
N THR A 331 -0.69 -24.92 -4.73
CA THR A 331 -0.91 -23.87 -3.75
C THR A 331 -0.82 -22.51 -4.43
N LEU A 332 -1.76 -21.64 -4.10
CA LEU A 332 -1.82 -20.32 -4.69
C LEU A 332 -0.47 -19.62 -4.56
N PRO A 333 0.07 -19.04 -5.63
CA PRO A 333 1.35 -18.32 -5.52
C PRO A 333 1.27 -17.20 -4.49
N GLY A 334 2.38 -17.01 -3.77
CA GLY A 334 2.43 -15.98 -2.75
C GLY A 334 2.40 -14.57 -3.31
N ILE A 335 2.80 -14.39 -4.57
CA ILE A 335 2.84 -13.07 -5.21
C ILE A 335 1.70 -12.91 -6.21
N ASP A 336 0.60 -13.65 -6.02
CA ASP A 336 -0.56 -13.47 -6.88
C ASP A 336 -1.07 -12.04 -6.85
N GLY A 337 -1.13 -11.46 -5.66
CA GLY A 337 -1.75 -10.17 -5.45
C GLY A 337 -2.75 -10.26 -4.31
N LEU A 338 -3.31 -11.46 -4.12
CA LEU A 338 -4.19 -11.76 -3.00
C LEU A 338 -3.77 -13.04 -2.29
N GLY A 339 -2.53 -13.49 -2.51
CA GLY A 339 -2.05 -14.71 -1.89
C GLY A 339 -0.92 -14.47 -0.91
N ASP A 340 -0.88 -13.26 -0.35
CA ASP A 340 0.23 -12.85 0.51
C ASP A 340 0.48 -13.84 1.64
N TRP A 341 -0.58 -14.42 2.19
CA TRP A 341 -0.43 -15.24 3.38
C TRP A 341 0.18 -16.61 3.10
N ASN A 342 0.29 -17.01 1.84
CA ASN A 342 0.94 -18.27 1.51
C ASN A 342 2.45 -18.17 1.51
N ILE A 343 3.01 -16.98 1.73
CA ILE A 343 4.44 -16.80 1.89
C ILE A 343 4.79 -17.03 3.35
N PRO A 344 5.72 -17.93 3.67
CA PRO A 344 6.09 -18.13 5.09
C PRO A 344 6.57 -16.84 5.73
N TRP A 345 6.23 -16.67 7.00
CA TRP A 345 6.56 -15.42 7.68
C TRP A 345 8.05 -15.14 7.65
N ASP A 346 8.87 -16.18 7.84
CA ASP A 346 10.32 -15.97 7.83
C ASP A 346 10.78 -15.40 6.50
N GLN A 347 10.18 -15.85 5.39
CA GLN A 347 10.53 -15.33 4.07
C GLN A 347 10.01 -13.91 3.89
N TRP A 348 8.78 -13.66 4.34
CA TRP A 348 8.22 -12.31 4.29
C TRP A 348 9.09 -11.35 5.10
N ARG A 349 9.30 -11.66 6.38
CA ARG A 349 10.08 -10.80 7.25
C ARG A 349 11.44 -10.48 6.65
N ALA A 350 12.11 -11.48 6.07
CA ALA A 350 13.40 -11.24 5.45
C ALA A 350 13.31 -10.20 4.34
N GLY A 351 12.15 -10.11 3.68
CA GLY A 351 11.95 -9.10 2.67
C GLY A 351 12.77 -9.37 1.42
N ASN A 352 12.63 -8.47 0.44
CA ASN A 352 13.35 -8.59 -0.81
C ASN A 352 13.69 -7.21 -1.37
N ALA A 353 14.09 -6.30 -0.48
CA ALA A 353 14.49 -4.96 -0.92
C ALA A 353 15.76 -4.96 -1.74
N LYS A 354 16.59 -6.01 -1.63
CA LYS A 354 17.83 -6.11 -2.41
C LYS A 354 18.73 -4.91 -2.17
N ALA B 1 9.51 5.28 -23.76
CA ALA B 1 8.83 5.24 -22.48
C ALA B 1 8.99 3.88 -21.76
#